data_5BXH
#
_entry.id   5BXH
#
_cell.length_a   105.396
_cell.length_b   105.396
_cell.length_c   97.316
_cell.angle_alpha   90.00
_cell.angle_beta   90.00
_cell.angle_gamma   120.00
#
_symmetry.space_group_name_H-M   'P 31 2 1'
#
_entity_poly.entity_id   1
_entity_poly.type   'polypeptide(L)'
_entity_poly.pdbx_seq_one_letter_code
;SNADWLTLNVGGRYFTTTRSTLVNKEPDSMLAHMFKDKGVWGNKQDHRGAFLIDRSPEYFEPILNYLRHGQLIVNDGINL
LGVLEEARFFGIDSLIEHLEVAIKNS
;
_entity_poly.pdbx_strand_id   A,B,C,D,E
#
# COMPACT_ATOMS: atom_id res chain seq x y z
N ASN A 2 -10.72 17.58 -17.56
CA ASN A 2 -10.95 16.86 -18.81
C ASN A 2 -9.69 16.79 -19.67
N ALA A 3 -9.07 17.94 -19.91
CA ALA A 3 -7.93 18.02 -20.81
C ALA A 3 -6.62 18.33 -20.09
N ASP A 4 -6.70 19.08 -18.99
CA ASP A 4 -5.51 19.53 -18.28
C ASP A 4 -5.20 18.64 -17.07
N TRP A 5 -4.07 17.93 -17.15
CA TRP A 5 -3.70 16.97 -16.12
C TRP A 5 -2.75 17.57 -15.09
N LEU A 6 -3.02 17.27 -13.82
CA LEU A 6 -2.19 17.73 -12.72
C LEU A 6 -1.80 16.58 -11.79
N THR A 7 -0.61 16.69 -11.22
CA THR A 7 -0.15 15.73 -10.22
C THR A 7 0.01 16.42 -8.88
N LEU A 8 -0.58 15.84 -7.83
CA LEU A 8 -0.48 16.38 -6.49
C LEU A 8 0.37 15.50 -5.60
N ASN A 9 1.37 16.11 -4.95
CA ASN A 9 2.19 15.40 -3.98
C ASN A 9 1.64 15.62 -2.57
N VAL A 10 0.77 14.73 -2.13
CA VAL A 10 0.17 14.84 -0.80
C VAL A 10 0.91 13.97 0.21
N GLY A 11 1.65 14.63 1.11
CA GLY A 11 2.34 13.95 2.18
C GLY A 11 3.40 12.95 1.75
N GLY A 12 3.72 12.94 0.45
CA GLY A 12 4.69 12.01 -0.09
C GLY A 12 4.10 11.09 -1.14
N ARG A 13 2.77 11.02 -1.19
CA ARG A 13 2.08 10.15 -2.13
C ARG A 13 1.54 10.94 -3.32
N TYR A 14 1.76 10.43 -4.52
CA TYR A 14 1.39 11.12 -5.74
C TYR A 14 0.02 10.73 -6.26
N PHE A 15 -0.87 11.71 -6.34
CA PHE A 15 -2.18 11.51 -6.95
C PHE A 15 -2.20 12.19 -8.30
N THR A 16 -2.89 11.60 -9.27
CA THR A 16 -3.01 12.24 -10.57
C THR A 16 -4.47 12.50 -10.90
N THR A 17 -4.78 13.74 -11.29
CA THR A 17 -6.16 14.11 -11.61
C THR A 17 -6.21 15.23 -12.65
N THR A 18 -7.37 15.86 -12.78
CA THR A 18 -7.54 16.98 -13.70
C THR A 18 -7.92 18.26 -12.97
N ARG A 19 -7.48 19.39 -13.50
CA ARG A 19 -7.81 20.69 -12.95
C ARG A 19 -9.32 20.86 -12.83
N SER A 20 -10.03 20.34 -13.84
CA SER A 20 -11.49 20.35 -13.88
C SER A 20 -12.08 19.74 -12.61
N THR A 21 -11.51 18.62 -12.17
CA THR A 21 -12.00 17.93 -11.00
C THR A 21 -11.72 18.73 -9.72
N LEU A 22 -10.61 19.47 -9.72
CA LEU A 22 -10.21 20.23 -8.54
C LEU A 22 -10.95 21.57 -8.39
N VAL A 23 -11.43 22.13 -9.50
CA VAL A 23 -12.06 23.45 -9.44
C VAL A 23 -13.59 23.42 -9.62
N ASN A 24 -14.10 22.38 -10.25
CA ASN A 24 -15.55 22.20 -10.37
C ASN A 24 -16.09 21.41 -9.19
N LYS A 25 -17.39 21.53 -8.94
CA LYS A 25 -18.05 20.84 -7.84
C LYS A 25 -17.39 21.19 -6.50
N GLU A 26 -16.84 22.42 -6.44
CA GLU A 26 -16.40 23.17 -5.23
C GLU A 26 -15.45 24.30 -5.63
N PRO A 27 -15.97 25.35 -6.30
CA PRO A 27 -15.08 26.42 -6.75
C PRO A 27 -14.72 27.44 -5.68
N ASP A 28 -15.28 27.31 -4.48
CA ASP A 28 -15.00 28.27 -3.41
C ASP A 28 -14.19 27.66 -2.28
N SER A 29 -13.68 26.45 -2.50
CA SER A 29 -12.78 25.82 -1.53
C SER A 29 -11.37 26.23 -1.87
N MET A 30 -10.44 26.03 -0.94
CA MET A 30 -9.06 26.46 -1.17
C MET A 30 -8.40 25.68 -2.29
N LEU A 31 -8.88 24.46 -2.54
CA LEU A 31 -8.38 23.65 -3.66
C LEU A 31 -8.50 24.40 -4.99
N ALA A 32 -9.59 25.17 -5.11
CA ALA A 32 -9.81 26.00 -6.28
C ALA A 32 -8.77 27.10 -6.44
N HIS A 33 -7.71 27.07 -5.62
CA HIS A 33 -6.53 27.89 -5.89
C HIS A 33 -5.75 27.32 -7.07
N MET A 34 -6.26 26.23 -7.66
CA MET A 34 -5.75 25.76 -8.94
C MET A 34 -6.68 26.16 -10.08
N PHE A 35 -7.44 27.24 -9.85
CA PHE A 35 -8.31 27.79 -10.89
C PHE A 35 -7.51 28.76 -11.75
N LYS A 36 -6.32 29.11 -11.29
CA LYS A 36 -5.41 29.97 -12.04
C LYS A 36 -4.34 29.13 -12.76
N ASP A 37 -3.61 28.33 -11.98
CA ASP A 37 -2.56 27.47 -12.51
C ASP A 37 -2.21 26.37 -11.51
N GLY A 42 -0.56 28.20 -6.33
CA GLY A 42 0.20 26.99 -6.54
C GLY A 42 1.53 27.24 -7.23
N ASN A 43 2.52 27.69 -6.47
CA ASN A 43 3.87 27.91 -6.99
C ASN A 43 4.89 27.05 -6.27
N LYS A 44 4.40 26.05 -5.54
CA LYS A 44 5.23 25.14 -4.77
C LYS A 44 5.27 23.78 -5.44
N GLN A 45 6.41 23.43 -6.04
CA GLN A 45 6.51 22.18 -6.80
C GLN A 45 7.76 21.38 -6.42
N ASP A 46 7.63 20.05 -6.43
CA ASP A 46 8.77 19.17 -6.21
C ASP A 46 9.56 19.02 -7.51
N HIS A 47 10.51 18.10 -7.53
CA HIS A 47 11.37 17.93 -8.70
C HIS A 47 10.61 17.37 -9.90
N ARG A 48 9.66 16.48 -9.63
CA ARG A 48 8.86 15.89 -10.69
C ARG A 48 7.92 16.94 -11.28
N GLY A 49 7.49 17.88 -10.43
CA GLY A 49 6.63 18.97 -10.86
C GLY A 49 5.27 18.93 -10.19
N ALA A 50 5.08 17.97 -9.29
CA ALA A 50 3.83 17.84 -8.56
C ALA A 50 3.67 18.96 -7.54
N PHE A 51 2.45 19.46 -7.39
CA PHE A 51 2.16 20.49 -6.41
C PHE A 51 2.14 19.89 -5.00
N LEU A 52 2.92 20.47 -4.10
CA LEU A 52 3.09 19.93 -2.76
C LEU A 52 1.94 20.30 -1.82
N ILE A 53 1.46 19.31 -1.08
CA ILE A 53 0.43 19.51 -0.07
C ILE A 53 0.79 18.76 1.21
N ASP A 54 0.86 19.48 2.32
CA ASP A 54 1.34 18.92 3.58
C ASP A 54 0.20 18.30 4.42
N ARG A 55 -0.47 17.30 3.85
CA ARG A 55 -1.55 16.61 4.56
C ARG A 55 -1.40 15.10 4.48
N SER A 56 -2.40 14.38 4.97
CA SER A 56 -2.39 12.92 4.94
C SER A 56 -3.03 12.39 3.67
N PRO A 57 -2.28 11.58 2.91
CA PRO A 57 -2.79 11.01 1.64
C PRO A 57 -3.79 9.90 1.88
N GLU A 58 -3.67 9.18 2.99
CA GLU A 58 -4.56 8.07 3.30
C GLU A 58 -6.00 8.54 3.42
N TYR A 59 -6.17 9.71 4.02
CA TYR A 59 -7.49 10.31 4.17
C TYR A 59 -7.76 11.33 3.07
N PHE A 60 -6.91 11.33 2.03
CA PHE A 60 -7.11 12.23 0.92
C PHE A 60 -7.80 11.52 -0.25
N GLU A 61 -7.71 10.18 -0.26
CA GLU A 61 -8.39 9.38 -1.28
C GLU A 61 -9.89 9.68 -1.37
N PRO A 62 -10.63 9.62 -0.23
CA PRO A 62 -12.07 9.83 -0.36
C PRO A 62 -12.43 11.27 -0.71
N ILE A 63 -11.55 12.21 -0.36
CA ILE A 63 -11.74 13.60 -0.72
C ILE A 63 -11.72 13.76 -2.24
N LEU A 64 -10.67 13.24 -2.86
CA LEU A 64 -10.51 13.31 -4.30
C LEU A 64 -11.60 12.54 -5.02
N ASN A 65 -11.99 11.39 -4.47
CA ASN A 65 -13.07 10.61 -5.06
C ASN A 65 -14.40 11.36 -4.99
N TYR A 66 -14.64 12.07 -3.90
CA TYR A 66 -15.83 12.90 -3.77
C TYR A 66 -15.77 14.06 -4.76
N LEU A 67 -14.56 14.55 -5.03
CA LEU A 67 -14.39 15.56 -6.06
C LEU A 67 -14.71 14.98 -7.43
N ARG A 68 -14.46 13.68 -7.58
CA ARG A 68 -14.63 13.02 -8.87
C ARG A 68 -16.09 12.69 -9.19
N HIS A 69 -16.82 12.14 -8.22
CA HIS A 69 -18.19 11.70 -8.47
C HIS A 69 -19.19 12.08 -7.38
N GLY A 70 -18.82 13.07 -6.56
CA GLY A 70 -19.74 13.63 -5.58
C GLY A 70 -20.36 12.66 -4.61
N GLN A 71 -19.63 11.61 -4.26
CA GLN A 71 -20.15 10.61 -3.33
C GLN A 71 -19.13 10.21 -2.28
N LEU A 72 -19.63 10.00 -1.06
CA LEU A 72 -18.79 9.57 0.06
C LEU A 72 -18.72 8.05 0.14
N ILE A 73 -17.58 7.49 -0.27
CA ILE A 73 -17.39 6.05 -0.28
C ILE A 73 -16.09 5.62 0.38
N VAL A 74 -16.20 4.94 1.52
CA VAL A 74 -15.03 4.38 2.22
C VAL A 74 -15.29 2.95 2.67
N ASN A 75 -14.21 2.21 2.92
CA ASN A 75 -14.32 0.82 3.35
C ASN A 75 -14.54 0.71 4.86
N ASP A 76 -14.90 -0.48 5.32
CA ASP A 76 -15.15 -0.70 6.75
C ASP A 76 -13.91 -0.42 7.58
N GLY A 77 -14.12 0.18 8.75
CA GLY A 77 -13.03 0.43 9.68
C GLY A 77 -12.32 1.75 9.50
N ILE A 78 -12.56 2.41 8.37
CA ILE A 78 -11.92 3.70 8.12
C ILE A 78 -12.49 4.79 9.02
N ASN A 79 -11.62 5.43 9.79
CA ASN A 79 -12.03 6.47 10.72
C ASN A 79 -12.49 7.72 9.98
N LEU A 80 -13.78 8.02 10.06
CA LEU A 80 -14.37 9.12 9.30
C LEU A 80 -13.86 10.49 9.78
N LEU A 81 -13.37 10.55 11.01
CA LEU A 81 -12.82 11.78 11.56
C LEU A 81 -11.63 12.29 10.74
N GLY A 82 -10.79 11.36 10.31
CA GLY A 82 -9.62 11.70 9.52
C GLY A 82 -10.01 12.31 8.20
N VAL A 83 -11.15 11.88 7.68
CA VAL A 83 -11.70 12.45 6.45
C VAL A 83 -12.28 13.82 6.73
N LEU A 84 -12.95 13.96 7.88
CA LEU A 84 -13.57 15.22 8.27
C LEU A 84 -12.54 16.33 8.42
N GLU A 85 -11.39 16.00 9.02
CA GLU A 85 -10.33 16.98 9.22
C GLU A 85 -9.83 17.54 7.89
N GLU A 86 -9.58 16.65 6.93
CA GLU A 86 -9.11 17.05 5.62
C GLU A 86 -10.18 17.85 4.87
N ALA A 87 -11.43 17.42 5.00
CA ALA A 87 -12.54 18.13 4.38
C ALA A 87 -12.64 19.55 4.91
N ARG A 88 -12.39 19.72 6.21
CA ARG A 88 -12.36 21.04 6.82
C ARG A 88 -11.19 21.87 6.29
N PHE A 89 -10.02 21.24 6.22
CA PHE A 89 -8.82 21.92 5.77
C PHE A 89 -8.97 22.46 4.35
N PHE A 90 -9.41 21.60 3.44
CA PHE A 90 -9.57 21.99 2.03
C PHE A 90 -10.81 22.84 1.82
N GLY A 91 -11.79 22.69 2.71
CA GLY A 91 -12.96 23.57 2.71
C GLY A 91 -14.10 23.15 1.80
N ILE A 92 -14.33 21.84 1.70
CA ILE A 92 -15.48 21.34 0.96
C ILE A 92 -16.67 21.19 1.91
N ASP A 93 -17.57 22.17 1.87
CA ASP A 93 -18.65 22.28 2.85
C ASP A 93 -19.69 21.16 2.76
N SER A 94 -20.09 20.82 1.54
CA SER A 94 -21.11 19.79 1.31
C SER A 94 -20.67 18.46 1.90
N LEU A 95 -19.39 18.15 1.70
CA LEU A 95 -18.81 16.94 2.24
C LEU A 95 -18.72 17.00 3.76
N ILE A 96 -18.55 18.20 4.31
CA ILE A 96 -18.52 18.37 5.75
C ILE A 96 -19.89 18.07 6.34
N GLU A 97 -20.94 18.57 5.69
CA GLU A 97 -22.31 18.29 6.13
C GLU A 97 -22.61 16.79 6.04
N HIS A 98 -22.30 16.22 4.87
CA HIS A 98 -22.47 14.79 4.62
C HIS A 98 -21.79 13.95 5.71
N LEU A 99 -20.55 14.31 6.02
CA LEU A 99 -19.77 13.62 7.03
C LEU A 99 -20.35 13.78 8.43
N GLU A 100 -20.83 14.98 8.74
CA GLU A 100 -21.40 15.24 10.06
C GLU A 100 -22.68 14.44 10.28
N VAL A 101 -23.53 14.36 9.27
CA VAL A 101 -24.72 13.55 9.40
C VAL A 101 -24.37 12.06 9.31
N ALA A 102 -23.15 11.78 8.85
CA ALA A 102 -22.67 10.40 8.80
C ALA A 102 -22.10 9.90 10.13
N ILE A 103 -21.56 10.81 10.94
CA ILE A 103 -20.89 10.41 12.18
C ILE A 103 -21.83 10.32 13.38
N LYS A 104 -22.92 11.08 13.35
CA LYS A 104 -23.82 11.15 14.50
C LYS A 104 -24.66 9.89 14.63
N ASN A 105 -24.59 9.02 13.62
CA ASN A 105 -25.19 7.69 13.68
C ASN A 105 -24.33 6.67 12.97
N SER A 106 -23.69 5.79 13.75
CA SER A 106 -22.85 4.74 13.18
C SER A 106 -23.68 3.52 12.81
N ASN B 2 -2.80 -10.22 -24.98
CA ASN B 2 -1.85 -11.33 -24.83
C ASN B 2 -0.44 -10.95 -25.29
N ALA B 3 -0.36 -10.23 -26.40
CA ALA B 3 0.93 -9.85 -26.96
C ALA B 3 1.20 -8.36 -26.77
N ASP B 4 0.13 -7.57 -26.77
CA ASP B 4 0.25 -6.12 -26.68
C ASP B 4 0.06 -5.65 -25.24
N TRP B 5 1.14 -5.13 -24.65
CA TRP B 5 1.11 -4.72 -23.25
C TRP B 5 0.88 -3.22 -23.10
N LEU B 6 -0.03 -2.87 -22.19
CA LEU B 6 -0.37 -1.48 -21.91
C LEU B 6 -0.24 -1.16 -20.42
N THR B 7 0.05 0.10 -20.13
CA THR B 7 0.11 0.59 -18.77
C THR B 7 -0.96 1.66 -18.57
N LEU B 8 -1.70 1.56 -17.46
CA LEU B 8 -2.78 2.48 -17.15
C LEU B 8 -2.46 3.26 -15.87
N ASN B 9 -2.46 4.58 -15.97
CA ASN B 9 -2.26 5.43 -14.81
C ASN B 9 -3.60 5.85 -14.21
N VAL B 10 -4.07 5.08 -13.24
CA VAL B 10 -5.35 5.37 -12.60
C VAL B 10 -5.13 6.12 -11.29
N GLY B 11 -5.47 7.41 -11.30
CA GLY B 11 -5.42 8.24 -10.12
C GLY B 11 -4.04 8.46 -9.52
N GLY B 12 -3.00 8.00 -10.22
CA GLY B 12 -1.65 8.10 -9.71
C GLY B 12 -1.01 6.75 -9.50
N ARG B 13 -1.81 5.70 -9.65
CA ARG B 13 -1.33 4.33 -9.45
C ARG B 13 -1.23 3.61 -10.78
N TYR B 14 -0.11 2.93 -10.99
CA TYR B 14 0.17 2.31 -12.28
C TYR B 14 -0.23 0.83 -12.33
N PHE B 15 -1.15 0.51 -13.24
CA PHE B 15 -1.54 -0.87 -13.49
C PHE B 15 -0.94 -1.33 -14.81
N THR B 16 -0.59 -2.60 -14.91
CA THR B 16 -0.08 -3.12 -16.17
C THR B 16 -0.95 -4.27 -16.63
N THR B 17 -1.38 -4.22 -17.89
CA THR B 17 -2.25 -5.25 -18.43
C THR B 17 -2.05 -5.39 -19.93
N THR B 18 -2.98 -6.08 -20.60
CA THR B 18 -2.90 -6.23 -22.05
C THR B 18 -4.14 -5.65 -22.71
N ARG B 19 -3.98 -5.23 -23.96
CA ARG B 19 -5.08 -4.68 -24.74
C ARG B 19 -6.23 -5.70 -24.83
N SER B 20 -5.86 -6.96 -25.00
CA SER B 20 -6.83 -8.05 -25.11
C SER B 20 -7.76 -8.12 -23.89
N THR B 21 -7.19 -7.89 -22.71
CA THR B 21 -7.95 -7.93 -21.47
C THR B 21 -8.95 -6.78 -21.42
N LEU B 22 -8.56 -5.64 -21.97
CA LEU B 22 -9.36 -4.43 -21.89
C LEU B 22 -10.47 -4.38 -22.93
N VAL B 23 -10.22 -4.96 -24.10
CA VAL B 23 -11.17 -4.88 -25.21
C VAL B 23 -12.13 -6.07 -25.27
N ASN B 24 -11.77 -7.16 -24.59
CA ASN B 24 -12.61 -8.35 -24.61
C ASN B 24 -13.33 -8.54 -23.27
N LYS B 25 -14.57 -9.00 -23.34
CA LYS B 25 -15.39 -9.29 -22.15
C LYS B 25 -15.54 -8.08 -21.22
N GLU B 26 -16.34 -7.09 -21.58
CA GLU B 26 -17.05 -7.06 -22.85
C GLU B 26 -16.53 -5.93 -23.72
N PRO B 27 -16.67 -6.08 -25.06
CA PRO B 27 -16.24 -5.02 -25.98
C PRO B 27 -17.17 -3.81 -25.98
N ASP B 28 -18.31 -3.89 -25.27
CA ASP B 28 -19.27 -2.80 -25.27
C ASP B 28 -19.16 -1.92 -24.02
N SER B 29 -17.94 -1.65 -23.60
CA SER B 29 -17.70 -0.72 -22.50
C SER B 29 -16.78 0.40 -22.96
N MET B 30 -16.77 1.49 -22.21
CA MET B 30 -15.90 2.64 -22.51
C MET B 30 -14.44 2.22 -22.58
N LEU B 31 -14.04 1.40 -21.62
CA LEU B 31 -12.68 0.86 -21.55
C LEU B 31 -12.25 0.22 -22.85
N ALA B 32 -13.11 -0.63 -23.39
CA ALA B 32 -12.79 -1.36 -24.61
C ALA B 32 -12.59 -0.41 -25.80
N HIS B 33 -13.43 0.61 -25.88
CA HIS B 33 -13.37 1.55 -27.00
C HIS B 33 -12.23 2.56 -26.83
N MET B 34 -11.69 2.66 -25.63
CA MET B 34 -10.55 3.53 -25.40
C MET B 34 -9.28 3.03 -26.06
N PHE B 35 -9.14 1.71 -26.14
CA PHE B 35 -7.90 1.11 -26.63
C PHE B 35 -8.11 0.24 -27.86
N LYS B 36 -8.25 0.87 -29.02
CA LYS B 36 -8.37 0.14 -30.28
C LYS B 36 -7.61 0.83 -31.41
N ASN B 43 -6.69 11.40 -27.14
CA ASN B 43 -6.23 10.78 -25.89
C ASN B 43 -5.06 11.53 -25.27
N LYS B 44 -4.45 10.93 -24.25
CA LYS B 44 -3.38 11.58 -23.50
C LYS B 44 -2.30 10.59 -23.05
N GLN B 45 -1.06 11.08 -23.02
CA GLN B 45 0.09 10.29 -22.61
C GLN B 45 0.81 10.94 -21.41
N ASP B 46 1.13 10.16 -20.39
CA ASP B 46 1.84 10.71 -19.23
C ASP B 46 3.36 10.63 -19.45
N HIS B 47 4.13 10.86 -18.38
CA HIS B 47 5.59 10.88 -18.48
C HIS B 47 6.20 9.48 -18.57
N ARG B 48 5.38 8.46 -18.34
CA ARG B 48 5.85 7.07 -18.42
C ARG B 48 5.13 6.29 -19.52
N GLY B 49 4.49 7.02 -20.44
CA GLY B 49 3.82 6.40 -21.57
C GLY B 49 2.43 5.89 -21.29
N ALA B 50 2.13 5.68 -20.01
CA ALA B 50 0.84 5.12 -19.58
C ALA B 50 -0.31 6.04 -19.95
N PHE B 51 -1.51 5.49 -20.02
CA PHE B 51 -2.68 6.29 -20.35
C PHE B 51 -3.41 6.70 -19.07
N LEU B 52 -3.70 8.00 -18.99
CA LEU B 52 -4.23 8.60 -17.77
C LEU B 52 -5.72 8.39 -17.58
N ILE B 53 -6.11 7.94 -16.39
CA ILE B 53 -7.51 7.76 -16.03
C ILE B 53 -7.77 8.41 -14.67
N ASP B 54 -8.75 9.32 -14.63
CA ASP B 54 -9.04 10.10 -13.44
C ASP B 54 -10.11 9.42 -12.57
N ARG B 55 -9.78 8.26 -12.02
CA ARG B 55 -10.68 7.54 -11.12
C ARG B 55 -9.92 6.99 -9.91
N SER B 56 -10.61 6.25 -9.06
CA SER B 56 -9.98 5.62 -7.89
C SER B 56 -9.34 4.29 -8.27
N PRO B 57 -8.03 4.16 -8.02
CA PRO B 57 -7.32 2.90 -8.29
C PRO B 57 -7.67 1.82 -7.27
N GLU B 58 -8.03 2.23 -6.06
CA GLU B 58 -8.37 1.29 -5.00
C GLU B 58 -9.60 0.48 -5.40
N TYR B 59 -10.54 1.13 -6.06
CA TYR B 59 -11.75 0.47 -6.53
C TYR B 59 -11.64 0.08 -7.99
N PHE B 60 -10.44 0.24 -8.56
CA PHE B 60 -10.19 -0.17 -9.93
C PHE B 60 -9.64 -1.59 -10.00
N GLU B 61 -9.04 -2.05 -8.89
CA GLU B 61 -8.52 -3.41 -8.82
C GLU B 61 -9.58 -4.48 -9.17
N PRO B 62 -10.75 -4.45 -8.51
CA PRO B 62 -11.70 -5.53 -8.81
C PRO B 62 -12.27 -5.41 -10.22
N ILE B 63 -12.25 -4.21 -10.78
CA ILE B 63 -12.70 -3.99 -12.15
C ILE B 63 -11.77 -4.71 -13.12
N LEU B 64 -10.48 -4.41 -13.02
CA LEU B 64 -9.48 -5.04 -13.88
C LEU B 64 -9.43 -6.55 -13.68
N ASN B 65 -9.59 -6.99 -12.43
CA ASN B 65 -9.61 -8.42 -12.14
C ASN B 65 -10.82 -9.10 -12.78
N TYR B 66 -11.97 -8.44 -12.72
CA TYR B 66 -13.18 -8.96 -13.36
C TYR B 66 -13.00 -9.01 -14.87
N LEU B 67 -12.24 -8.05 -15.40
CA LEU B 67 -11.91 -8.06 -16.82
C LEU B 67 -11.02 -9.26 -17.14
N ARG B 68 -10.16 -9.61 -16.18
CA ARG B 68 -9.20 -10.70 -16.36
C ARG B 68 -9.84 -12.08 -16.34
N HIS B 69 -10.67 -12.35 -15.34
CA HIS B 69 -11.22 -13.71 -15.20
C HIS B 69 -12.74 -13.78 -15.01
N GLY B 70 -13.43 -12.66 -15.24
CA GLY B 70 -14.88 -12.64 -15.22
C GLY B 70 -15.53 -12.98 -13.90
N GLN B 71 -14.84 -12.72 -12.80
CA GLN B 71 -15.40 -12.99 -11.47
C GLN B 71 -15.21 -11.83 -10.51
N LEU B 72 -16.23 -11.55 -9.72
CA LEU B 72 -16.19 -10.49 -8.71
C LEU B 72 -15.62 -11.01 -7.40
N ILE B 73 -14.39 -10.61 -7.09
CA ILE B 73 -13.72 -11.05 -5.87
C ILE B 73 -13.18 -9.86 -5.09
N VAL B 74 -13.52 -9.79 -3.80
CA VAL B 74 -13.11 -8.66 -2.97
C VAL B 74 -12.91 -9.09 -1.51
N ASN B 75 -12.06 -8.35 -0.79
CA ASN B 75 -11.75 -8.66 0.59
C ASN B 75 -12.82 -8.17 1.56
N ASP B 76 -12.71 -8.56 2.82
CA ASP B 76 -13.67 -8.17 3.85
C ASP B 76 -13.66 -6.66 4.10
N GLY B 77 -14.84 -6.10 4.31
CA GLY B 77 -14.96 -4.72 4.71
C GLY B 77 -14.90 -3.70 3.59
N ILE B 78 -14.51 -4.14 2.39
CA ILE B 78 -14.42 -3.22 1.26
C ILE B 78 -15.81 -2.85 0.75
N ASN B 79 -16.08 -1.55 0.73
CA ASN B 79 -17.38 -1.04 0.29
C ASN B 79 -17.62 -1.33 -1.19
N LEU B 80 -18.72 -2.03 -1.47
CA LEU B 80 -19.03 -2.46 -2.83
C LEU B 80 -19.57 -1.30 -3.67
N LEU B 81 -19.98 -0.22 -2.99
CA LEU B 81 -20.52 0.95 -3.67
C LEU B 81 -19.51 1.63 -4.58
N GLY B 82 -18.25 1.70 -4.14
CA GLY B 82 -17.20 2.30 -4.94
C GLY B 82 -16.95 1.49 -6.21
N VAL B 83 -16.87 0.17 -6.04
CA VAL B 83 -16.72 -0.75 -7.16
C VAL B 83 -17.87 -0.57 -8.14
N LEU B 84 -19.08 -0.41 -7.61
CA LEU B 84 -20.25 -0.16 -8.44
C LEU B 84 -20.09 1.14 -9.23
N GLU B 85 -19.61 2.18 -8.56
CA GLU B 85 -19.43 3.48 -9.19
C GLU B 85 -18.46 3.39 -10.35
N GLU B 86 -17.31 2.77 -10.11
CA GLU B 86 -16.30 2.63 -11.14
C GLU B 86 -16.81 1.77 -12.30
N ALA B 87 -17.51 0.68 -11.96
CA ALA B 87 -18.09 -0.20 -12.97
C ALA B 87 -19.08 0.55 -13.86
N ARG B 88 -19.87 1.45 -13.25
CA ARG B 88 -20.78 2.30 -13.99
C ARG B 88 -20.02 3.24 -14.91
N PHE B 89 -18.97 3.86 -14.39
CA PHE B 89 -18.17 4.80 -15.17
C PHE B 89 -17.58 4.14 -16.41
N PHE B 90 -16.97 2.96 -16.22
CA PHE B 90 -16.33 2.27 -17.33
C PHE B 90 -17.34 1.53 -18.21
N GLY B 91 -18.53 1.28 -17.67
CA GLY B 91 -19.63 0.74 -18.45
C GLY B 91 -19.60 -0.76 -18.67
N ILE B 92 -19.17 -1.51 -17.65
CA ILE B 92 -19.25 -2.95 -17.70
C ILE B 92 -20.57 -3.40 -17.08
N ASP B 93 -21.53 -3.74 -17.93
CA ASP B 93 -22.90 -4.04 -17.52
C ASP B 93 -23.02 -5.27 -16.63
N SER B 94 -22.39 -6.36 -17.06
CA SER B 94 -22.46 -7.63 -16.33
C SER B 94 -22.01 -7.45 -14.89
N LEU B 95 -20.91 -6.73 -14.70
CA LEU B 95 -20.38 -6.47 -13.37
C LEU B 95 -21.32 -5.59 -12.57
N ILE B 96 -22.00 -4.68 -13.25
CA ILE B 96 -23.01 -3.84 -12.60
C ILE B 96 -24.11 -4.73 -12.03
N GLU B 97 -24.61 -5.66 -12.84
CA GLU B 97 -25.65 -6.58 -12.40
C GLU B 97 -25.19 -7.44 -11.22
N HIS B 98 -24.04 -8.08 -11.37
CA HIS B 98 -23.47 -8.90 -10.30
C HIS B 98 -23.34 -8.11 -9.00
N LEU B 99 -22.88 -6.87 -9.13
CA LEU B 99 -22.72 -5.99 -7.98
C LEU B 99 -24.06 -5.66 -7.33
N GLU B 100 -25.09 -5.44 -8.14
CA GLU B 100 -26.41 -5.11 -7.62
C GLU B 100 -27.03 -6.29 -6.87
N VAL B 101 -26.93 -7.48 -7.45
CA VAL B 101 -27.45 -8.67 -6.79
C VAL B 101 -26.56 -9.01 -5.58
N ALA B 102 -25.37 -8.41 -5.55
CA ALA B 102 -24.47 -8.56 -4.39
C ALA B 102 -24.81 -7.59 -3.27
N ILE B 103 -25.37 -6.42 -3.61
CA ILE B 103 -25.73 -5.44 -2.61
C ILE B 103 -27.15 -5.64 -2.11
N LYS B 104 -27.94 -6.43 -2.84
CA LYS B 104 -29.30 -6.75 -2.41
C LYS B 104 -29.28 -7.48 -1.06
N ASN B 105 -28.33 -8.40 -0.90
CA ASN B 105 -28.18 -9.14 0.35
C ASN B 105 -26.75 -9.10 0.86
N SER B 106 -26.49 -8.20 1.81
CA SER B 106 -25.16 -8.08 2.40
C SER B 106 -25.17 -8.41 3.88
N ASN C 2 13.69 27.68 7.39
CA ASN C 2 12.35 27.45 7.90
C ASN C 2 11.29 27.59 6.81
N ALA C 3 10.22 26.80 6.94
CA ALA C 3 9.15 26.69 5.94
C ALA C 3 9.67 26.08 4.65
N ASP C 4 10.80 25.38 4.74
CA ASP C 4 11.34 24.64 3.61
C ASP C 4 10.64 23.29 3.49
N TRP C 5 10.57 22.76 2.29
CA TRP C 5 9.97 21.45 2.09
C TRP C 5 10.99 20.34 2.35
N LEU C 6 10.72 19.54 3.36
CA LEU C 6 11.62 18.46 3.76
C LEU C 6 11.03 17.09 3.43
N THR C 7 11.93 16.15 3.14
CA THR C 7 11.55 14.78 2.86
C THR C 7 12.23 13.84 3.86
N LEU C 8 11.44 13.01 4.54
CA LEU C 8 11.95 12.06 5.51
C LEU C 8 11.87 10.63 4.98
N ASN C 9 13.01 9.94 4.99
CA ASN C 9 13.04 8.52 4.66
C ASN C 9 12.88 7.71 5.94
N VAL C 10 11.67 7.27 6.22
CA VAL C 10 11.39 6.49 7.42
C VAL C 10 11.19 5.02 7.09
N GLY C 11 12.15 4.20 7.48
CA GLY C 11 12.08 2.77 7.29
C GLY C 11 12.00 2.32 5.84
N GLY C 12 12.33 3.23 4.92
CA GLY C 12 12.27 2.92 3.50
C GLY C 12 11.12 3.62 2.80
N ARG C 13 10.26 4.26 3.57
CA ARG C 13 9.10 4.95 3.00
C ARG C 13 9.28 6.46 3.08
N TYR C 14 9.01 7.14 1.97
CA TYR C 14 9.24 8.59 1.88
C TYR C 14 8.01 9.40 2.29
N PHE C 15 8.20 10.26 3.28
CA PHE C 15 7.17 11.21 3.70
C PHE C 15 7.60 12.62 3.35
N THR C 16 6.67 13.44 2.86
CA THR C 16 7.00 14.82 2.52
C THR C 16 6.24 15.79 3.41
N THR C 17 6.95 16.73 4.02
CA THR C 17 6.32 17.73 4.88
C THR C 17 7.09 19.05 4.87
N THR C 18 6.83 19.90 5.85
CA THR C 18 7.56 21.16 5.99
C THR C 18 8.30 21.22 7.31
N ARG C 19 9.36 22.02 7.35
CA ARG C 19 10.14 22.19 8.57
C ARG C 19 9.27 22.73 9.70
N SER C 20 8.36 23.63 9.34
CA SER C 20 7.42 24.22 10.29
C SER C 20 6.63 23.14 11.02
N THR C 21 6.16 22.14 10.27
CA THR C 21 5.37 21.06 10.84
C THR C 21 6.20 20.20 11.78
N LEU C 22 7.47 20.01 11.44
CA LEU C 22 8.36 19.17 12.24
C LEU C 22 8.92 19.90 13.46
N VAL C 23 8.84 21.22 13.47
CA VAL C 23 9.41 22.03 14.54
C VAL C 23 8.36 22.59 15.50
N ASN C 24 7.26 23.09 14.96
CA ASN C 24 6.23 23.74 15.76
C ASN C 24 5.15 22.79 16.25
N LYS C 25 4.61 23.08 17.43
CA LYS C 25 3.65 22.24 18.17
C LYS C 25 4.37 21.01 18.73
N GLU C 26 5.69 21.10 18.82
CA GLU C 26 6.51 20.15 19.60
C GLU C 26 7.99 20.57 19.66
N PRO C 27 8.26 21.83 20.05
CA PRO C 27 9.65 22.31 19.99
C PRO C 27 10.58 21.55 20.93
N ASP C 28 10.01 20.83 21.88
CA ASP C 28 10.79 20.07 22.85
C ASP C 28 10.77 18.57 22.56
N SER C 29 10.94 18.22 21.29
CA SER C 29 11.00 16.81 20.89
C SER C 29 12.23 16.58 20.02
N MET C 30 12.60 15.30 19.86
CA MET C 30 13.76 14.94 19.05
C MET C 30 13.62 15.45 17.62
N LEU C 31 12.43 15.26 17.06
CA LEU C 31 12.13 15.67 15.69
C LEU C 31 12.42 17.15 15.44
N ALA C 32 11.87 18.01 16.29
CA ALA C 32 12.08 19.45 16.16
C ALA C 32 13.56 19.80 16.31
N HIS C 33 14.24 19.09 17.20
CA HIS C 33 15.67 19.31 17.43
C HIS C 33 16.52 18.84 16.25
N MET C 34 15.95 17.98 15.41
CA MET C 34 16.68 17.47 14.26
C MET C 34 16.73 18.47 13.09
N PHE C 35 15.66 19.24 12.91
CA PHE C 35 15.56 20.11 11.75
C PHE C 35 15.53 21.59 12.12
N LYS C 36 16.71 22.18 12.29
CA LYS C 36 16.83 23.59 12.62
C LYS C 36 17.93 24.25 11.77
N ASP C 37 18.90 23.44 11.35
CA ASP C 37 20.03 23.93 10.57
C ASP C 37 19.81 23.73 9.08
N LYS C 44 22.84 13.37 7.33
CA LYS C 44 22.36 12.00 7.20
C LYS C 44 21.27 11.90 6.12
N GLN C 45 21.69 12.02 4.86
CA GLN C 45 20.75 11.98 3.75
C GLN C 45 21.03 10.82 2.81
N ASP C 46 19.97 10.29 2.19
CA ASP C 46 20.13 9.27 1.15
C ASP C 46 20.42 9.94 -0.19
N HIS C 47 20.14 9.25 -1.28
CA HIS C 47 20.46 9.77 -2.61
C HIS C 47 19.43 10.78 -3.10
N ARG C 48 18.19 10.63 -2.66
CA ARG C 48 17.13 11.56 -3.04
C ARG C 48 17.09 12.77 -2.10
N GLY C 49 18.10 12.88 -1.24
CA GLY C 49 18.22 14.00 -0.34
C GLY C 49 17.39 13.89 0.93
N ALA C 50 16.65 12.79 1.05
CA ALA C 50 15.79 12.58 2.21
C ALA C 50 16.59 12.28 3.47
N PHE C 51 16.14 12.80 4.61
CA PHE C 51 16.81 12.56 5.89
C PHE C 51 16.44 11.18 6.43
N LEU C 52 17.46 10.42 6.83
CA LEU C 52 17.27 9.02 7.22
C LEU C 52 16.83 8.82 8.66
N ILE C 53 15.74 8.08 8.83
CA ILE C 53 15.21 7.75 10.14
C ILE C 53 14.94 6.24 10.23
N ASP C 54 15.53 5.60 11.22
CA ASP C 54 15.44 4.16 11.34
C ASP C 54 14.26 3.73 12.23
N ARG C 55 13.05 4.02 11.76
CA ARG C 55 11.84 3.62 12.48
C ARG C 55 10.80 3.04 11.52
N SER C 56 9.64 2.67 12.06
CA SER C 56 8.55 2.12 11.25
C SER C 56 7.67 3.22 10.68
N PRO C 57 7.52 3.23 9.34
CA PRO C 57 6.68 4.22 8.67
C PRO C 57 5.19 4.00 8.91
N GLU C 58 4.79 2.74 9.05
CA GLU C 58 3.37 2.41 9.23
C GLU C 58 2.80 3.05 10.49
N TYR C 59 3.64 3.19 11.50
CA TYR C 59 3.23 3.81 12.75
C TYR C 59 3.74 5.25 12.85
N PHE C 60 4.34 5.74 11.78
CA PHE C 60 4.85 7.11 11.76
C PHE C 60 3.85 8.09 11.16
N GLU C 61 2.99 7.61 10.26
CA GLU C 61 1.97 8.47 9.67
C GLU C 61 1.04 9.12 10.71
N PRO C 62 0.58 8.37 11.73
CA PRO C 62 -0.27 9.07 12.70
C PRO C 62 0.51 10.12 13.49
N ILE C 63 1.80 9.89 13.68
CA ILE C 63 2.67 10.84 14.35
C ILE C 63 2.74 12.14 13.56
N LEU C 64 3.05 12.02 12.28
CA LEU C 64 3.15 13.18 11.39
C LEU C 64 1.82 13.92 11.31
N ASN C 65 0.73 13.16 11.26
CA ASN C 65 -0.61 13.75 11.24
C ASN C 65 -0.89 14.54 12.52
N TYR C 66 -0.47 14.00 13.65
CA TYR C 66 -0.61 14.69 14.93
C TYR C 66 0.22 15.96 14.94
N LEU C 67 1.37 15.92 14.28
CA LEU C 67 2.18 17.12 14.11
C LEU C 67 1.43 18.14 13.27
N ARG C 68 0.70 17.66 12.27
CA ARG C 68 0.01 18.52 11.33
C ARG C 68 -1.20 19.24 11.92
N HIS C 69 -2.02 18.50 12.68
CA HIS C 69 -3.27 19.09 13.17
C HIS C 69 -3.57 18.82 14.64
N GLY C 70 -2.59 18.32 15.38
CA GLY C 70 -2.72 18.12 16.81
C GLY C 70 -3.84 17.19 17.24
N GLN C 71 -4.14 16.19 16.41
CA GLN C 71 -5.18 15.22 16.74
C GLN C 71 -4.75 13.78 16.46
N LEU C 72 -5.24 12.87 17.29
CA LEU C 72 -4.94 11.44 17.16
C LEU C 72 -6.01 10.73 16.34
N ILE C 73 -5.71 10.44 15.08
CA ILE C 73 -6.67 9.77 14.21
C ILE C 73 -6.09 8.46 13.68
N VAL C 74 -6.85 7.37 13.85
CA VAL C 74 -6.39 6.05 13.46
C VAL C 74 -7.56 5.15 13.08
N ASN C 75 -7.34 4.30 12.07
CA ASN C 75 -8.39 3.41 11.58
C ASN C 75 -8.61 2.22 12.51
N ASP C 76 -9.72 1.51 12.30
CA ASP C 76 -10.04 0.35 13.12
C ASP C 76 -8.97 -0.73 13.03
N GLY C 77 -8.64 -1.32 14.18
CA GLY C 77 -7.73 -2.45 14.22
C GLY C 77 -6.27 -2.09 14.34
N ILE C 78 -5.96 -0.80 14.29
CA ILE C 78 -4.58 -0.35 14.40
C ILE C 78 -4.10 -0.39 15.86
N ASN C 79 -3.08 -1.20 16.12
CA ASN C 79 -2.53 -1.34 17.45
C ASN C 79 -1.92 -0.03 17.94
N LEU C 80 -2.45 0.48 19.05
CA LEU C 80 -2.04 1.79 19.55
C LEU C 80 -0.64 1.76 20.16
N LEU C 81 -0.20 0.57 20.59
CA LEU C 81 1.12 0.41 21.17
C LEU C 81 2.23 0.81 20.20
N GLY C 82 2.08 0.41 18.94
CA GLY C 82 3.06 0.72 17.92
C GLY C 82 3.21 2.21 17.72
N VAL C 83 2.11 2.94 17.91
CA VAL C 83 2.14 4.39 17.81
C VAL C 83 2.79 4.98 19.06
N LEU C 84 2.51 4.35 20.20
CA LEU C 84 3.06 4.79 21.48
C LEU C 84 4.59 4.70 21.51
N GLU C 85 5.13 3.63 20.92
CA GLU C 85 6.58 3.45 20.90
C GLU C 85 7.27 4.56 20.12
N GLU C 86 6.77 4.84 18.92
CA GLU C 86 7.30 5.92 18.10
C GLU C 86 7.13 7.26 18.81
N ALA C 87 6.00 7.39 19.51
CA ALA C 87 5.72 8.59 20.30
C ALA C 87 6.79 8.81 21.36
N ARG C 88 7.20 7.73 22.01
CA ARG C 88 8.27 7.80 23.01
C ARG C 88 9.61 8.13 22.35
N PHE C 89 9.88 7.49 21.22
CA PHE C 89 11.16 7.65 20.53
C PHE C 89 11.38 9.07 20.06
N PHE C 90 10.34 9.69 19.51
CA PHE C 90 10.45 11.05 19.00
C PHE C 90 10.24 12.08 20.11
N GLY C 91 9.76 11.61 21.26
CA GLY C 91 9.65 12.45 22.45
C GLY C 91 8.60 13.55 22.39
N ILE C 92 7.42 13.22 21.87
CA ILE C 92 6.31 14.17 21.86
C ILE C 92 5.33 13.83 22.97
N ASP C 93 5.51 14.48 24.12
CA ASP C 93 4.84 14.11 25.36
C ASP C 93 3.32 14.18 25.32
N SER C 94 2.78 15.22 24.71
CA SER C 94 1.34 15.43 24.64
C SER C 94 0.64 14.23 24.01
N LEU C 95 1.18 13.78 22.89
CA LEU C 95 0.64 12.63 22.18
C LEU C 95 0.81 11.34 23.01
N ILE C 96 1.86 11.29 23.81
CA ILE C 96 2.06 10.17 24.71
C ILE C 96 0.92 10.11 25.72
N GLU C 97 0.56 11.26 26.28
CA GLU C 97 -0.56 11.36 27.21
C GLU C 97 -1.86 10.92 26.55
N HIS C 98 -2.17 11.53 25.40
CA HIS C 98 -3.33 11.16 24.60
C HIS C 98 -3.41 9.65 24.40
N LEU C 99 -2.29 9.05 24.02
CA LEU C 99 -2.22 7.63 23.75
C LEU C 99 -2.48 6.79 24.99
N GLU C 100 -1.88 7.18 26.11
CA GLU C 100 -2.06 6.43 27.35
C GLU C 100 -3.52 6.44 27.81
N VAL C 101 -4.14 7.62 27.77
CA VAL C 101 -5.55 7.69 28.13
C VAL C 101 -6.41 7.01 27.08
N ALA C 102 -5.85 6.79 25.89
CA ALA C 102 -6.56 6.07 24.83
C ALA C 102 -6.48 4.55 25.02
N ILE C 103 -5.39 4.08 25.64
CA ILE C 103 -5.21 2.65 25.86
C ILE C 103 -5.81 2.21 27.19
N LYS C 104 -6.06 3.18 28.07
CA LYS C 104 -6.72 2.86 29.35
C LYS C 104 -8.07 2.20 29.10
N ASN C 105 -8.81 2.71 28.12
CA ASN C 105 -10.10 2.13 27.74
C ASN C 105 -10.15 1.81 26.25
N SER C 106 -10.01 0.53 25.91
CA SER C 106 -10.04 0.11 24.52
C SER C 106 -11.07 -0.99 24.30
N ALA D 3 20.12 -17.78 -5.78
CA ALA D 3 21.34 -17.71 -6.57
C ALA D 3 21.14 -16.88 -7.83
N ASP D 4 20.06 -17.16 -8.55
CA ASP D 4 19.72 -16.41 -9.75
C ASP D 4 18.45 -15.59 -9.51
N TRP D 5 18.60 -14.27 -9.39
CA TRP D 5 17.50 -13.42 -8.98
C TRP D 5 16.66 -12.88 -10.14
N LEU D 6 15.35 -13.04 -10.01
CA LEU D 6 14.40 -12.57 -11.01
C LEU D 6 13.39 -11.59 -10.44
N THR D 7 12.95 -10.66 -11.28
CA THR D 7 11.92 -9.70 -10.92
C THR D 7 10.69 -9.91 -11.81
N LEU D 8 9.52 -9.98 -11.19
CA LEU D 8 8.26 -10.17 -11.89
C LEU D 8 7.38 -8.93 -11.81
N ASN D 9 6.85 -8.51 -12.95
CA ASN D 9 5.88 -7.42 -13.00
C ASN D 9 4.47 -7.99 -13.05
N VAL D 10 3.81 -8.09 -11.90
CA VAL D 10 2.47 -8.63 -11.82
C VAL D 10 1.44 -7.52 -11.62
N GLY D 11 0.67 -7.24 -12.67
CA GLY D 11 -0.39 -6.24 -12.62
C GLY D 11 0.09 -4.82 -12.41
N GLY D 12 1.41 -4.61 -12.47
CA GLY D 12 1.99 -3.30 -12.23
C GLY D 12 2.77 -3.25 -10.93
N ARG D 13 2.84 -4.39 -10.23
CA ARG D 13 3.55 -4.48 -8.96
C ARG D 13 4.75 -5.42 -9.07
N TYR D 14 5.90 -4.97 -8.57
CA TYR D 14 7.15 -5.70 -8.76
C TYR D 14 7.48 -6.62 -7.59
N PHE D 15 7.63 -7.91 -7.89
CA PHE D 15 8.04 -8.90 -6.90
C PHE D 15 9.45 -9.38 -7.21
N THR D 16 10.27 -9.52 -6.17
CA THR D 16 11.62 -10.03 -6.38
C THR D 16 11.78 -11.39 -5.72
N THR D 17 12.23 -12.36 -6.49
CA THR D 17 12.50 -13.69 -5.96
C THR D 17 13.67 -14.33 -6.69
N THR D 18 13.83 -15.63 -6.55
CA THR D 18 14.87 -16.34 -7.28
C THR D 18 14.24 -17.40 -8.17
N ARG D 19 14.93 -17.73 -9.26
CA ARG D 19 14.47 -18.75 -10.20
C ARG D 19 14.18 -20.06 -9.49
N SER D 20 14.99 -20.38 -8.48
CA SER D 20 14.83 -21.59 -7.69
C SER D 20 13.46 -21.69 -7.03
N THR D 21 12.95 -20.55 -6.58
CA THR D 21 11.66 -20.51 -5.89
C THR D 21 10.51 -20.75 -6.88
N LEU D 22 10.69 -20.29 -8.12
CA LEU D 22 9.63 -20.38 -9.12
C LEU D 22 9.61 -21.74 -9.82
N VAL D 23 10.78 -22.32 -10.03
CA VAL D 23 10.89 -23.60 -10.73
C VAL D 23 10.59 -24.79 -9.81
N ASN D 24 11.14 -24.74 -8.59
CA ASN D 24 10.96 -25.83 -7.65
C ASN D 24 9.68 -25.68 -6.81
N LYS D 25 9.00 -26.80 -6.60
CA LYS D 25 7.81 -26.87 -5.74
C LYS D 25 6.69 -25.92 -6.20
N GLU D 26 5.92 -26.29 -7.22
CA GLU D 26 6.12 -27.52 -7.98
C GLU D 26 6.43 -27.16 -9.44
N PRO D 27 7.14 -28.05 -10.13
CA PRO D 27 7.63 -27.78 -11.50
C PRO D 27 6.63 -28.07 -12.60
N ASP D 28 5.46 -28.62 -12.26
CA ASP D 28 4.45 -28.94 -13.26
C ASP D 28 3.37 -27.86 -13.34
N SER D 29 3.78 -26.62 -13.14
CA SER D 29 2.89 -25.47 -13.30
C SER D 29 3.41 -24.59 -14.42
N MET D 30 2.55 -23.74 -14.98
CA MET D 30 2.98 -22.85 -16.06
C MET D 30 4.02 -21.85 -15.55
N LEU D 31 3.95 -21.53 -14.27
CA LEU D 31 4.90 -20.60 -13.65
C LEU D 31 6.32 -21.09 -13.81
N ALA D 32 6.55 -22.34 -13.41
CA ALA D 32 7.86 -22.97 -13.52
C ALA D 32 8.20 -23.17 -15.00
N HIS D 33 7.18 -23.43 -15.81
CA HIS D 33 7.37 -23.60 -17.24
C HIS D 33 7.76 -22.31 -17.94
N MET D 34 7.65 -21.17 -17.24
CA MET D 34 7.99 -19.88 -17.84
C MET D 34 9.50 -19.64 -17.89
N PHE D 35 10.26 -20.58 -17.35
CA PHE D 35 11.69 -20.69 -17.64
C PHE D 35 11.87 -21.69 -18.77
N LYS D 36 12.45 -21.23 -19.87
CA LYS D 36 12.67 -22.11 -21.03
C LYS D 36 14.12 -22.01 -21.51
N TRP D 41 9.93 -16.99 -23.38
CA TRP D 41 8.56 -16.52 -23.53
C TRP D 41 8.49 -14.99 -23.58
N GLY D 42 7.89 -14.43 -24.63
CA GLY D 42 7.99 -13.00 -24.90
C GLY D 42 7.34 -12.05 -23.90
N ASN D 43 7.50 -12.30 -22.60
CA ASN D 43 6.94 -11.44 -21.57
C ASN D 43 7.98 -10.68 -20.76
N LYS D 44 9.24 -10.71 -21.20
CA LYS D 44 10.34 -10.18 -20.37
C LYS D 44 10.44 -8.66 -20.33
N GLN D 45 10.10 -7.98 -21.42
CA GLN D 45 10.50 -6.59 -21.58
C GLN D 45 9.51 -5.56 -21.04
N ASP D 46 9.82 -5.04 -19.85
CA ASP D 46 9.44 -3.68 -19.50
C ASP D 46 10.75 -2.93 -19.30
N HIS D 47 10.70 -1.71 -18.78
CA HIS D 47 11.92 -0.91 -18.71
C HIS D 47 12.89 -1.38 -17.63
N ARG D 48 12.38 -2.05 -16.61
CA ARG D 48 13.23 -2.51 -15.51
C ARG D 48 13.59 -3.98 -15.67
N GLY D 49 13.31 -4.54 -16.85
CA GLY D 49 13.66 -5.90 -17.17
C GLY D 49 12.80 -6.95 -16.50
N ALA D 50 11.72 -6.53 -15.86
CA ALA D 50 10.85 -7.44 -15.13
C ALA D 50 9.94 -8.21 -16.08
N PHE D 51 9.72 -9.49 -15.78
CA PHE D 51 8.88 -10.34 -16.63
C PHE D 51 7.40 -10.08 -16.37
N LEU D 52 6.67 -9.78 -17.43
CA LEU D 52 5.29 -9.31 -17.34
C LEU D 52 4.27 -10.43 -17.13
N ILE D 53 3.38 -10.22 -16.17
CA ILE D 53 2.28 -11.15 -15.89
C ILE D 53 0.99 -10.37 -15.68
N ASP D 54 -0.04 -10.70 -16.45
CA ASP D 54 -1.30 -9.96 -16.41
C ASP D 54 -2.28 -10.55 -15.39
N ARG D 55 -1.91 -10.50 -14.11
CA ARG D 55 -2.76 -11.02 -13.04
C ARG D 55 -2.83 -10.04 -11.86
N SER D 56 -3.66 -10.37 -10.87
CA SER D 56 -3.78 -9.57 -9.67
C SER D 56 -2.60 -9.74 -8.73
N PRO D 57 -1.86 -8.65 -8.48
CA PRO D 57 -0.71 -8.70 -7.56
C PRO D 57 -1.13 -8.91 -6.11
N GLU D 58 -2.31 -8.41 -5.75
CA GLU D 58 -2.79 -8.54 -4.38
C GLU D 58 -2.95 -10.00 -3.98
N TYR D 59 -3.41 -10.83 -4.92
CA TYR D 59 -3.63 -12.24 -4.65
C TYR D 59 -2.44 -13.09 -5.11
N PHE D 60 -1.31 -12.45 -5.37
CA PHE D 60 -0.14 -13.17 -5.85
C PHE D 60 0.88 -13.43 -4.74
N GLU D 61 0.85 -12.61 -3.70
CA GLU D 61 1.78 -12.78 -2.58
C GLU D 61 1.61 -14.11 -1.82
N PRO D 62 0.37 -14.56 -1.56
CA PRO D 62 0.29 -15.86 -0.89
C PRO D 62 0.79 -17.00 -1.78
N ILE D 63 0.66 -16.83 -3.09
CA ILE D 63 1.17 -17.80 -4.05
C ILE D 63 2.68 -17.91 -3.95
N LEU D 64 3.35 -16.76 -4.02
CA LEU D 64 4.81 -16.70 -3.96
C LEU D 64 5.33 -17.20 -2.62
N ASN D 65 4.60 -16.88 -1.54
CA ASN D 65 4.98 -17.34 -0.22
C ASN D 65 4.84 -18.86 -0.10
N TYR D 66 3.78 -19.39 -0.68
CA TYR D 66 3.58 -20.84 -0.73
C TYR D 66 4.69 -21.49 -1.55
N LEU D 67 5.19 -20.76 -2.54
CA LEU D 67 6.34 -21.22 -3.31
C LEU D 67 7.61 -21.17 -2.48
N ARG D 68 7.66 -20.24 -1.52
CA ARG D 68 8.84 -20.04 -0.71
C ARG D 68 8.98 -21.06 0.42
N HIS D 69 7.86 -21.37 1.09
CA HIS D 69 7.93 -22.23 2.27
C HIS D 69 6.81 -23.27 2.34
N GLY D 70 6.11 -23.47 1.22
CA GLY D 70 5.13 -24.53 1.12
C GLY D 70 3.98 -24.47 2.10
N GLN D 71 3.65 -23.27 2.57
CA GLN D 71 2.57 -23.10 3.52
C GLN D 71 1.62 -21.97 3.13
N LEU D 72 0.35 -22.16 3.43
CA LEU D 72 -0.68 -21.19 3.10
C LEU D 72 -0.95 -20.27 4.28
N ILE D 73 -0.48 -19.03 4.19
CA ILE D 73 -0.71 -18.06 5.26
C ILE D 73 -1.24 -16.73 4.73
N VAL D 74 -2.43 -16.35 5.19
CA VAL D 74 -3.02 -15.06 4.86
C VAL D 74 -3.65 -14.42 6.09
N ASN D 75 -3.84 -13.10 6.05
CA ASN D 75 -4.41 -12.37 7.18
C ASN D 75 -5.93 -12.46 7.22
N ASP D 76 -6.54 -11.96 8.29
CA ASP D 76 -7.98 -12.03 8.47
C ASP D 76 -8.74 -11.27 7.38
N GLY D 77 -9.87 -11.81 6.95
CA GLY D 77 -10.75 -11.14 6.03
C GLY D 77 -10.36 -11.23 4.57
N ILE D 78 -9.27 -11.93 4.27
CA ILE D 78 -8.82 -12.09 2.90
C ILE D 78 -9.63 -13.14 2.16
N ASN D 79 -10.31 -12.73 1.09
CA ASN D 79 -11.09 -13.65 0.28
C ASN D 79 -10.18 -14.59 -0.49
N LEU D 80 -10.10 -15.84 -0.04
CA LEU D 80 -9.17 -16.80 -0.61
C LEU D 80 -9.71 -17.46 -1.88
N LEU D 81 -10.85 -16.98 -2.36
CA LEU D 81 -11.32 -17.36 -3.69
C LEU D 81 -10.38 -16.78 -4.73
N GLY D 82 -10.00 -15.52 -4.50
CA GLY D 82 -9.08 -14.82 -5.39
C GLY D 82 -7.72 -15.46 -5.42
N VAL D 83 -7.35 -16.13 -4.32
CA VAL D 83 -6.12 -16.90 -4.27
C VAL D 83 -6.29 -18.18 -5.08
N LEU D 84 -7.46 -18.78 -4.98
CA LEU D 84 -7.77 -20.02 -5.71
C LEU D 84 -7.73 -19.80 -7.22
N GLU D 85 -8.24 -18.67 -7.67
CA GLU D 85 -8.24 -18.36 -9.10
C GLU D 85 -6.82 -18.25 -9.65
N GLU D 86 -5.95 -17.57 -8.90
CA GLU D 86 -4.56 -17.43 -9.29
C GLU D 86 -3.85 -18.79 -9.26
N ALA D 87 -4.18 -19.59 -8.24
CA ALA D 87 -3.63 -20.93 -8.12
C ALA D 87 -4.01 -21.79 -9.33
N ARG D 88 -5.22 -21.57 -9.83
CA ARG D 88 -5.69 -22.29 -11.01
C ARG D 88 -4.97 -21.78 -12.27
N PHE D 89 -4.86 -20.47 -12.40
CA PHE D 89 -4.22 -19.88 -13.57
C PHE D 89 -2.77 -20.31 -13.70
N PHE D 90 -2.04 -20.28 -12.59
CA PHE D 90 -0.62 -20.64 -12.61
C PHE D 90 -0.43 -22.16 -12.55
N GLY D 91 -1.45 -22.86 -12.07
CA GLY D 91 -1.46 -24.31 -12.12
C GLY D 91 -0.74 -25.02 -10.99
N ILE D 92 -0.80 -24.45 -9.78
CA ILE D 92 -0.25 -25.11 -8.61
C ILE D 92 -1.32 -25.98 -7.96
N ASP D 93 -1.27 -27.27 -8.23
CA ASP D 93 -2.32 -28.21 -7.84
C ASP D 93 -2.43 -28.43 -6.33
N SER D 94 -1.27 -28.58 -5.68
CA SER D 94 -1.23 -28.83 -4.24
C SER D 94 -1.92 -27.70 -3.48
N LEU D 95 -1.63 -26.46 -3.88
CA LEU D 95 -2.25 -25.30 -3.27
C LEU D 95 -3.73 -25.23 -3.61
N ILE D 96 -4.11 -25.74 -4.77
CA ILE D 96 -5.52 -25.80 -5.14
C ILE D 96 -6.26 -26.70 -4.16
N GLU D 97 -5.69 -27.86 -3.89
CA GLU D 97 -6.26 -28.78 -2.91
C GLU D 97 -6.33 -28.15 -1.52
N HIS D 98 -5.19 -27.59 -1.08
CA HIS D 98 -5.10 -26.88 0.19
C HIS D 98 -6.22 -25.87 0.34
N LEU D 99 -6.42 -25.09 -0.71
CA LEU D 99 -7.43 -24.04 -0.73
C LEU D 99 -8.84 -24.60 -0.69
N GLU D 100 -9.08 -25.70 -1.41
CA GLU D 100 -10.41 -26.31 -1.42
C GLU D 100 -10.78 -26.84 -0.05
N VAL D 101 -9.85 -27.55 0.59
CA VAL D 101 -10.11 -28.07 1.93
C VAL D 101 -10.14 -26.90 2.93
N ALA D 102 -9.59 -25.77 2.54
CA ALA D 102 -9.63 -24.57 3.37
C ALA D 102 -10.99 -23.87 3.28
N ILE D 103 -11.63 -23.92 2.12
CA ILE D 103 -12.92 -23.27 1.93
C ILE D 103 -14.06 -24.19 2.30
N LYS D 104 -13.79 -25.49 2.41
CA LYS D 104 -14.81 -26.45 2.81
C LYS D 104 -15.45 -26.06 4.14
N ASN D 105 -14.63 -25.53 5.05
CA ASN D 105 -15.12 -25.04 6.34
C ASN D 105 -14.44 -23.74 6.73
N SER D 106 -15.18 -22.64 6.61
CA SER D 106 -14.65 -21.31 6.90
C SER D 106 -15.49 -20.59 7.94
N ASP E 4 25.87 3.58 10.28
CA ASP E 4 26.03 2.87 9.02
C ASP E 4 24.68 2.41 8.47
N TRP E 5 24.30 2.93 7.31
CA TRP E 5 22.98 2.66 6.75
C TRP E 5 22.96 1.57 5.69
N LEU E 6 21.94 0.72 5.75
CA LEU E 6 21.76 -0.38 4.81
C LEU E 6 20.34 -0.44 4.26
N THR E 7 20.22 -0.94 3.04
CA THR E 7 18.93 -1.13 2.40
C THR E 7 18.70 -2.59 2.07
N LEU E 8 17.52 -3.10 2.42
CA LEU E 8 17.20 -4.51 2.17
C LEU E 8 16.06 -4.65 1.16
N ASN E 9 16.29 -5.42 0.10
CA ASN E 9 15.25 -5.75 -0.86
C ASN E 9 14.57 -7.05 -0.47
N VAL E 10 13.50 -6.95 0.32
CA VAL E 10 12.77 -8.13 0.76
C VAL E 10 11.55 -8.38 -0.13
N GLY E 11 11.64 -9.40 -0.97
CA GLY E 11 10.53 -9.82 -1.81
C GLY E 11 10.05 -8.78 -2.80
N GLY E 12 10.84 -7.73 -2.99
CA GLY E 12 10.48 -6.65 -3.89
C GLY E 12 10.32 -5.32 -3.18
N ARG E 13 10.18 -5.36 -1.86
CA ARG E 13 9.97 -4.15 -1.08
C ARG E 13 11.25 -3.70 -0.39
N TYR E 14 11.56 -2.41 -0.53
CA TYR E 14 12.79 -1.86 0.02
C TYR E 14 12.61 -1.34 1.44
N PHE E 15 13.31 -1.97 2.38
CA PHE E 15 13.36 -1.48 3.75
C PHE E 15 14.70 -0.78 3.94
N THR E 16 14.76 0.14 4.90
CA THR E 16 16.01 0.83 5.19
C THR E 16 16.27 0.88 6.69
N THR E 17 17.45 0.44 7.09
CA THR E 17 17.80 0.42 8.52
C THR E 17 19.31 0.39 8.71
N THR E 18 19.75 0.75 9.91
CA THR E 18 21.18 0.72 10.23
C THR E 18 21.67 -0.71 10.40
N ARG E 19 22.95 -0.94 10.13
CA ARG E 19 23.56 -2.24 10.35
C ARG E 19 23.50 -2.59 11.83
N SER E 20 23.68 -1.56 12.66
CA SER E 20 23.67 -1.71 14.11
C SER E 20 22.40 -2.40 14.61
N THR E 21 21.25 -2.05 14.05
CA THR E 21 19.98 -2.63 14.46
C THR E 21 19.90 -4.11 14.09
N LEU E 22 20.45 -4.45 12.93
CA LEU E 22 20.46 -5.83 12.47
C LEU E 22 21.43 -6.70 13.28
N VAL E 23 22.53 -6.11 13.74
CA VAL E 23 23.56 -6.88 14.42
C VAL E 23 23.46 -6.88 15.95
N ASN E 24 23.07 -5.74 16.54
CA ASN E 24 22.90 -5.66 17.99
C ASN E 24 21.50 -6.13 18.38
N LYS E 25 21.44 -7.00 19.38
CA LYS E 25 20.31 -7.91 19.59
C LYS E 25 20.17 -8.80 18.36
N GLU E 26 19.90 -10.08 18.62
CA GLU E 26 19.96 -11.10 17.59
C GLU E 26 21.38 -11.11 17.01
N PRO E 27 22.38 -11.50 17.82
CA PRO E 27 23.69 -11.64 17.20
C PRO E 27 23.96 -13.09 16.82
N ASP E 28 22.98 -13.95 17.08
CA ASP E 28 23.18 -15.40 17.00
C ASP E 28 22.54 -16.09 15.79
N SER E 29 21.86 -15.31 14.94
CA SER E 29 21.19 -15.89 13.76
C SER E 29 21.53 -15.18 12.45
N MET E 30 20.97 -15.68 11.36
CA MET E 30 21.41 -15.33 10.01
C MET E 30 21.35 -13.85 9.65
N LEU E 31 20.42 -13.10 10.26
CA LEU E 31 20.29 -11.69 9.91
C LEU E 31 21.56 -10.90 10.26
N ALA E 32 22.00 -11.00 11.50
CA ALA E 32 23.22 -10.30 11.92
C ALA E 32 24.44 -10.84 11.21
N HIS E 33 24.45 -12.15 10.95
CA HIS E 33 25.60 -12.81 10.34
C HIS E 33 25.74 -12.43 8.87
N MET E 34 24.63 -12.06 8.23
CA MET E 34 24.66 -11.62 6.85
C MET E 34 25.39 -10.29 6.72
N PHE E 35 25.19 -9.41 7.69
CA PHE E 35 25.71 -8.05 7.61
C PHE E 35 26.85 -7.81 8.60
N LYS E 36 28.04 -8.25 8.22
CA LYS E 36 29.26 -8.01 8.99
C LYS E 36 30.35 -7.54 8.04
N ASP E 37 30.39 -8.14 6.85
CA ASP E 37 31.35 -7.81 5.80
C ASP E 37 32.79 -7.88 6.30
N LYS E 44 24.85 -10.66 -2.04
CA LYS E 44 24.38 -10.44 -3.40
C LYS E 44 23.43 -9.26 -3.44
N GLN E 45 23.71 -8.30 -4.33
CA GLN E 45 22.99 -7.03 -4.34
C GLN E 45 22.39 -6.69 -5.71
N ASP E 46 21.41 -5.80 -5.70
CA ASP E 46 20.80 -5.32 -6.94
C ASP E 46 21.42 -3.99 -7.38
N HIS E 47 20.69 -3.25 -8.22
CA HIS E 47 21.19 -2.00 -8.77
C HIS E 47 21.22 -0.87 -7.73
N ARG E 48 20.20 -0.82 -6.87
CA ARG E 48 20.13 0.19 -5.84
C ARG E 48 21.04 -0.16 -4.66
N GLY E 49 21.82 -1.23 -4.82
CA GLY E 49 22.78 -1.64 -3.82
C GLY E 49 22.15 -2.35 -2.63
N ALA E 50 20.88 -2.70 -2.76
CA ALA E 50 20.15 -3.32 -1.66
C ALA E 50 20.44 -4.81 -1.57
N PHE E 51 20.54 -5.31 -0.34
CA PHE E 51 20.74 -6.73 -0.08
C PHE E 51 19.47 -7.51 -0.39
N LEU E 52 19.60 -8.53 -1.22
CA LEU E 52 18.44 -9.29 -1.69
C LEU E 52 18.02 -10.38 -0.70
N ILE E 53 16.72 -10.45 -0.42
CA ILE E 53 16.15 -11.45 0.46
C ILE E 53 14.86 -12.01 -0.12
N ASP E 54 14.82 -13.31 -0.35
CA ASP E 54 13.67 -13.95 -0.98
C ASP E 54 12.62 -14.37 0.03
N ARG E 55 12.01 -13.39 0.70
CA ARG E 55 10.95 -13.66 1.67
C ARG E 55 9.79 -12.69 1.51
N SER E 56 8.81 -12.78 2.41
CA SER E 56 7.66 -11.90 2.39
C SER E 56 7.90 -10.64 3.21
N PRO E 57 7.81 -9.47 2.55
CA PRO E 57 7.99 -8.18 3.21
C PRO E 57 6.82 -7.82 4.14
N GLU E 58 5.63 -8.35 3.83
CA GLU E 58 4.44 -8.04 4.63
C GLU E 58 4.57 -8.59 6.04
N TYR E 59 5.25 -9.73 6.16
CA TYR E 59 5.49 -10.33 7.46
C TYR E 59 6.91 -10.05 7.93
N PHE E 60 7.62 -9.20 7.19
CA PHE E 60 8.99 -8.85 7.54
C PHE E 60 9.06 -7.57 8.38
N GLU E 61 8.09 -6.68 8.21
CA GLU E 61 8.06 -5.44 8.97
C GLU E 61 7.98 -5.64 10.49
N PRO E 62 7.14 -6.58 10.99
CA PRO E 62 7.15 -6.73 12.45
C PRO E 62 8.48 -7.27 12.97
N ILE E 63 9.14 -8.08 12.15
CA ILE E 63 10.46 -8.62 12.50
C ILE E 63 11.45 -7.47 12.71
N LEU E 64 11.53 -6.59 11.71
CA LEU E 64 12.45 -5.46 11.76
C LEU E 64 12.11 -4.52 12.92
N ASN E 65 10.82 -4.33 13.17
CA ASN E 65 10.38 -3.54 14.32
C ASN E 65 10.88 -4.13 15.63
N TYR E 66 10.74 -5.45 15.76
CA TYR E 66 11.23 -6.16 16.95
C TYR E 66 12.74 -6.02 17.08
N LEU E 67 13.43 -5.96 15.94
CA LEU E 67 14.87 -5.71 15.96
C LEU E 67 15.15 -4.29 16.44
N ARG E 68 14.25 -3.37 16.12
CA ARG E 68 14.45 -1.96 16.44
C ARG E 68 14.24 -1.66 17.93
N HIS E 69 13.16 -2.16 18.52
CA HIS E 69 12.85 -1.81 19.91
C HIS E 69 12.53 -3.00 20.82
N GLY E 70 12.66 -4.22 20.30
CA GLY E 70 12.49 -5.41 21.11
C GLY E 70 11.08 -5.67 21.61
N GLN E 71 10.09 -5.34 20.78
CA GLN E 71 8.69 -5.59 21.14
C GLN E 71 7.89 -6.13 19.97
N LEU E 72 6.91 -6.98 20.29
CA LEU E 72 6.02 -7.57 19.29
C LEU E 72 4.74 -6.74 19.17
N ILE E 73 4.63 -5.96 18.11
CA ILE E 73 3.45 -5.11 17.91
C ILE E 73 2.85 -5.28 16.52
N VAL E 74 1.60 -5.71 16.46
CA VAL E 74 0.90 -5.89 15.20
C VAL E 74 -0.56 -5.43 15.30
N ASN E 75 -1.10 -4.96 14.19
CA ASN E 75 -2.50 -4.54 14.12
C ASN E 75 -3.46 -5.73 14.19
N ASP E 76 -4.75 -5.44 14.21
CA ASP E 76 -5.75 -6.50 14.22
C ASP E 76 -5.85 -7.21 12.88
N GLY E 77 -5.93 -8.53 12.91
CA GLY E 77 -6.23 -9.30 11.71
C GLY E 77 -5.09 -10.04 11.06
N ILE E 78 -3.86 -9.58 11.27
CA ILE E 78 -2.71 -10.21 10.63
C ILE E 78 -2.41 -11.58 11.23
N ASN E 79 -2.11 -12.54 10.36
CA ASN E 79 -1.85 -13.92 10.79
C ASN E 79 -0.47 -14.04 11.43
N LEU E 80 -0.46 -14.41 12.71
CA LEU E 80 0.79 -14.52 13.46
C LEU E 80 1.66 -15.66 12.95
N LEU E 81 1.06 -16.60 12.23
CA LEU E 81 1.80 -17.69 11.61
C LEU E 81 2.77 -17.16 10.55
N GLY E 82 2.32 -16.15 9.82
CA GLY E 82 3.15 -15.50 8.81
C GLY E 82 4.37 -14.86 9.45
N VAL E 83 4.20 -14.27 10.62
CA VAL E 83 5.30 -13.63 11.31
C VAL E 83 6.23 -14.71 11.86
N LEU E 84 5.63 -15.79 12.36
CA LEU E 84 6.38 -16.89 12.94
C LEU E 84 7.26 -17.59 11.89
N GLU E 85 6.79 -17.67 10.65
CA GLU E 85 7.56 -18.32 9.59
C GLU E 85 8.80 -17.51 9.24
N GLU E 86 8.66 -16.19 9.08
CA GLU E 86 9.84 -15.36 8.91
C GLU E 86 10.73 -15.42 10.14
N ALA E 87 10.13 -15.51 11.33
CA ALA E 87 10.92 -15.56 12.56
C ALA E 87 11.77 -16.82 12.62
N ARG E 88 11.23 -17.93 12.11
CA ARG E 88 11.95 -19.18 12.01
C ARG E 88 13.04 -19.08 10.95
N PHE E 89 12.67 -18.58 9.77
CA PHE E 89 13.60 -18.45 8.66
C PHE E 89 14.82 -17.62 9.04
N PHE E 90 14.55 -16.46 9.65
CA PHE E 90 15.60 -15.53 10.04
C PHE E 90 16.23 -15.95 11.37
N GLY E 91 15.46 -16.63 12.22
CA GLY E 91 16.00 -17.29 13.40
C GLY E 91 16.07 -16.50 14.69
N ILE E 92 15.15 -15.57 14.89
CA ILE E 92 15.11 -14.81 16.15
C ILE E 92 14.38 -15.60 17.23
N ASP E 93 15.14 -16.28 18.08
CA ASP E 93 14.58 -17.19 19.08
C ASP E 93 13.61 -16.53 20.05
N SER E 94 14.01 -15.39 20.62
CA SER E 94 13.19 -14.69 21.61
C SER E 94 11.83 -14.32 21.02
N LEU E 95 11.83 -13.82 19.79
CA LEU E 95 10.60 -13.47 19.10
C LEU E 95 9.77 -14.71 18.79
N ILE E 96 10.44 -15.84 18.57
CA ILE E 96 9.73 -17.10 18.36
C ILE E 96 8.99 -17.49 19.63
N GLU E 97 9.62 -17.30 20.79
CA GLU E 97 8.96 -17.56 22.06
C GLU E 97 7.78 -16.63 22.27
N HIS E 98 8.01 -15.32 22.12
CA HIS E 98 6.95 -14.32 22.20
C HIS E 98 5.76 -14.70 21.34
N LEU E 99 6.05 -15.11 20.11
CA LEU E 99 5.02 -15.48 19.14
C LEU E 99 4.26 -16.74 19.56
N GLU E 100 4.97 -17.74 20.06
CA GLU E 100 4.32 -18.99 20.49
C GLU E 100 3.39 -18.75 21.67
N VAL E 101 3.86 -17.97 22.65
CA VAL E 101 3.01 -17.66 23.79
C VAL E 101 1.90 -16.69 23.36
N ALA E 102 2.08 -16.06 22.21
CA ALA E 102 1.04 -15.20 21.64
C ALA E 102 -0.04 -16.02 20.93
N ILE E 103 0.34 -17.16 20.35
CA ILE E 103 -0.61 -18.01 19.65
C ILE E 103 -1.28 -18.99 20.59
N LYS E 104 -0.71 -19.18 21.79
CA LYS E 104 -1.34 -20.04 22.78
C LYS E 104 -2.77 -19.58 23.07
N ASN E 105 -2.94 -18.28 23.30
CA ASN E 105 -4.26 -17.70 23.47
C ASN E 105 -4.49 -16.55 22.51
N SER E 106 -5.28 -16.80 21.46
CA SER E 106 -5.57 -15.79 20.45
C SER E 106 -7.05 -15.47 20.39
#